data_5IUG
#
_entry.id   5IUG
#
_cell.length_a   51.913
_cell.length_b   56.495
_cell.length_c   102.710
_cell.angle_alpha   90.000
_cell.angle_beta   90.000
_cell.angle_gamma   90.000
#
_symmetry.space_group_name_H-M   'P 21 21 21'
#
loop_
_entity.id
_entity.type
_entity.pdbx_description
1 polymer 'ALK tyrosine kinase receptor'
2 non-polymer N-[3-(4-{[(5-tert-butyl-1,2-oxazol-3-yl)carbamoyl]amino}-3-methylphenyl)-1H-pyrazol-5-yl]-4-[(4-methylpiperazin-1-yl)methyl]benzamide
3 water water
#
_entity_poly.entity_id   1
_entity_poly.type   'polypeptide(L)'
_entity_poly.pdbx_seq_one_letter_code
;RTSTIMTDYNPNYSFAGKTSSISDLKEVPRKNITLIRGLGHGAFGEVYEGQVSGMPNDPSPLQVAVKTLPEVCSEQDELD
FLMEALIISKFNHQNIVRCIGVSLQSLPRFILLELMAGGDLKSFLRETRPRPSQPSSLAMLDLLHVARDIACGCQYLEEN
HFIHRDIAARNCLLTCPGPGRVAKIGDFGMARDIYRASYYRKGGCAMLPVKWMPPEAFMEGIFTSKTDTWSFGVLLWEIF
SLGYMPYPSKSNQEVLEFVTSGGRMDPPKNCPGPVYRIMTQCWQHQPEDRPNFAIILERIEYCTQDPDVINTALPIEYGP
LVEEEEK
;
_entity_poly.pdbx_strand_id   A
#
# COMPACT_ATOMS: atom_id res chain seq x y z
N ASN A 10 5.57 -11.27 -15.63
CA ASN A 10 4.91 -10.22 -14.86
C ASN A 10 4.16 -9.26 -15.78
N PRO A 11 2.90 -8.91 -15.43
CA PRO A 11 2.05 -8.11 -16.31
C PRO A 11 2.54 -6.67 -16.58
N ASN A 12 3.59 -6.20 -15.91
CA ASN A 12 4.07 -4.83 -16.10
C ASN A 12 5.43 -4.72 -16.77
N TYR A 13 6.11 -5.86 -16.95
CA TYR A 13 7.47 -5.85 -17.42
C TYR A 13 7.60 -5.44 -18.88
N SER A 14 6.69 -5.90 -19.73
CA SER A 14 6.80 -5.64 -21.15
C SER A 14 6.70 -4.13 -21.45
N PHE A 15 5.72 -3.47 -20.83
CA PHE A 15 5.50 -2.05 -21.06
C PHE A 15 6.65 -1.21 -20.50
N ALA A 16 7.03 -1.49 -19.26
CA ALA A 16 8.11 -0.77 -18.61
C ALA A 16 9.44 -0.93 -19.36
N GLY A 17 9.69 -2.13 -19.86
CA GLY A 17 10.91 -2.41 -20.59
C GLY A 17 11.03 -1.59 -21.86
N LYS A 18 9.92 -1.36 -22.52
CA LYS A 18 9.91 -0.65 -23.81
C LYS A 18 9.95 0.86 -23.62
N THR A 19 9.39 1.33 -22.51
CA THR A 19 9.16 2.76 -22.32
C THR A 19 9.99 3.35 -21.18
N SER A 20 10.99 2.61 -20.71
CA SER A 20 11.87 3.11 -19.65
C SER A 20 13.25 2.50 -19.81
N SER A 21 14.27 3.35 -19.70
CA SER A 21 15.65 2.95 -19.94
C SER A 21 16.44 2.80 -18.65
N ILE A 22 17.40 1.88 -18.68
CA ILE A 22 18.36 1.74 -17.59
C ILE A 22 19.12 3.05 -17.40
N SER A 23 19.30 3.79 -18.48
CA SER A 23 20.02 5.06 -18.42
C SER A 23 19.25 6.09 -17.60
N ASP A 24 17.95 5.85 -17.42
CA ASP A 24 17.10 6.70 -16.59
C ASP A 24 17.45 6.54 -15.12
N LEU A 25 18.10 5.42 -14.79
CA LEU A 25 18.46 5.12 -13.41
C LEU A 25 19.83 5.69 -13.06
N LYS A 26 19.88 6.47 -12.00
CA LYS A 26 21.13 7.06 -11.54
C LYS A 26 21.96 6.03 -10.76
N GLU A 27 23.06 5.60 -11.35
CA GLU A 27 23.97 4.67 -10.68
C GLU A 27 24.80 5.44 -9.65
N VAL A 28 24.66 5.07 -8.40
CA VAL A 28 25.43 5.67 -7.32
C VAL A 28 26.63 4.77 -7.01
N PRO A 29 27.85 5.33 -7.09
CA PRO A 29 29.04 4.56 -6.71
C PRO A 29 28.90 3.91 -5.34
N ARG A 30 29.22 2.63 -5.25
CA ARG A 30 29.03 1.87 -4.03
C ARG A 30 29.80 2.46 -2.86
N LYS A 31 30.94 3.08 -3.15
CA LYS A 31 31.79 3.65 -2.10
C LYS A 31 31.06 4.78 -1.37
N ASN A 32 30.06 5.36 -2.03
CA ASN A 32 29.33 6.49 -1.46
C ASN A 32 28.08 6.09 -0.69
N ILE A 33 27.87 4.78 -0.54
CA ILE A 33 26.71 4.25 0.17
C ILE A 33 27.12 3.58 1.48
N THR A 34 26.50 4.01 2.57
CA THR A 34 26.72 3.41 3.89
C THR A 34 25.41 2.90 4.47
N LEU A 35 25.37 1.61 4.79
CA LEU A 35 24.23 1.03 5.50
C LEU A 35 24.32 1.36 6.97
N ILE A 36 23.22 1.88 7.54
CA ILE A 36 23.21 2.35 8.92
C ILE A 36 22.53 1.37 9.88
N ARG A 37 21.41 0.79 9.46
CA ARG A 37 20.72 -0.20 10.28
C ARG A 37 19.64 -0.92 9.49
N GLY A 38 19.31 -2.13 9.91
CA GLY A 38 18.24 -2.89 9.30
C GLY A 38 16.90 -2.27 9.65
N LEU A 39 15.94 -2.36 8.71
CA LEU A 39 14.59 -1.83 8.94
C LEU A 39 13.55 -2.93 8.84
N GLY A 40 13.77 -3.87 7.93
CA GLY A 40 12.85 -4.99 7.75
C GLY A 40 13.17 -5.79 6.52
N GLY A 45 14.02 -9.73 -0.50
CA GLY A 45 15.30 -9.24 -0.04
C GLY A 45 15.21 -8.60 1.34
N GLU A 46 16.15 -7.71 1.63
CA GLU A 46 16.22 -7.03 2.92
C GLU A 46 16.29 -5.52 2.72
N VAL A 47 15.83 -4.77 3.72
CA VAL A 47 15.73 -3.31 3.62
C VAL A 47 16.41 -2.60 4.79
N TYR A 48 17.34 -1.71 4.44
CA TYR A 48 18.14 -0.97 5.42
C TYR A 48 17.90 0.53 5.31
N GLU A 49 18.14 1.24 6.41
CA GLU A 49 18.33 2.68 6.32
C GLU A 49 19.77 2.91 5.91
N GLY A 50 19.96 3.71 4.88
CA GLY A 50 21.28 3.98 4.35
C GLY A 50 21.54 5.46 4.25
N GLN A 51 22.76 5.80 3.87
CA GLN A 51 23.16 7.18 3.67
C GLN A 51 24.01 7.29 2.41
N VAL A 52 23.72 8.30 1.59
CA VAL A 52 24.49 8.53 0.38
C VAL A 52 25.27 9.85 0.49
N SER A 53 26.58 9.76 0.25
CA SER A 53 27.45 10.93 0.27
C SER A 53 27.68 11.45 -1.15
N PRO A 61 24.63 14.80 3.12
CA PRO A 61 24.33 13.37 3.03
C PRO A 61 22.84 13.08 2.92
N LEU A 62 22.46 12.31 1.90
CA LEU A 62 21.07 11.93 1.69
C LEU A 62 20.71 10.72 2.54
N GLN A 63 19.57 10.78 3.21
CA GLN A 63 19.04 9.64 3.95
C GLN A 63 18.14 8.84 3.03
N VAL A 64 18.40 7.53 2.94
CA VAL A 64 17.65 6.68 2.02
C VAL A 64 17.28 5.33 2.65
N ALA A 65 16.33 4.65 2.02
CA ALA A 65 16.10 3.24 2.27
C ALA A 65 16.82 2.45 1.18
N VAL A 66 17.38 1.31 1.56
CA VAL A 66 18.15 0.49 0.63
C VAL A 66 17.61 -0.92 0.57
N LYS A 67 17.10 -1.31 -0.59
CA LYS A 67 16.70 -2.68 -0.83
C LYS A 67 17.84 -3.43 -1.51
N THR A 68 18.13 -4.62 -1.02
CA THR A 68 19.23 -5.42 -1.57
C THR A 68 18.73 -6.64 -2.32
N LEU A 69 19.55 -7.09 -3.26
CA LEU A 69 19.33 -8.33 -3.98
C LEU A 69 20.31 -9.37 -3.44
N PRO A 70 19.82 -10.34 -2.64
CA PRO A 70 20.73 -11.35 -2.10
C PRO A 70 21.51 -12.06 -3.20
N GLU A 71 22.81 -12.27 -2.99
CA GLU A 71 23.67 -12.84 -4.02
C GLU A 71 23.31 -14.29 -4.36
N VAL A 72 22.57 -14.95 -3.48
CA VAL A 72 22.18 -16.34 -3.71
C VAL A 72 21.03 -16.50 -4.68
N CYS A 73 20.35 -15.40 -4.99
CA CYS A 73 19.17 -15.44 -5.86
C CYS A 73 19.57 -15.66 -7.34
N SER A 74 18.58 -15.78 -8.21
CA SER A 74 18.78 -16.25 -9.58
C SER A 74 18.76 -15.12 -10.61
N GLU A 75 18.59 -15.49 -11.88
CA GLU A 75 18.57 -14.56 -13.00
C GLU A 75 17.17 -14.00 -13.23
N GLN A 76 16.16 -14.75 -12.80
CA GLN A 76 14.79 -14.27 -12.85
C GLN A 76 14.66 -13.15 -11.82
N ASP A 77 15.31 -13.34 -10.68
CA ASP A 77 15.32 -12.33 -9.63
C ASP A 77 16.12 -11.11 -10.07
N GLU A 78 17.14 -11.34 -10.90
CA GLU A 78 17.91 -10.23 -11.47
C GLU A 78 16.99 -9.32 -12.28
N LEU A 79 16.17 -9.94 -13.12
CA LEU A 79 15.21 -9.19 -13.91
C LEU A 79 14.20 -8.49 -13.01
N ASP A 80 13.63 -9.25 -12.07
CA ASP A 80 12.65 -8.71 -11.13
C ASP A 80 13.19 -7.49 -10.41
N PHE A 81 14.44 -7.58 -9.98
CA PHE A 81 15.10 -6.52 -9.21
C PHE A 81 15.25 -5.26 -10.07
N LEU A 82 15.79 -5.42 -11.27
CA LEU A 82 15.91 -4.30 -12.20
C LEU A 82 14.55 -3.68 -12.52
N MET A 83 13.55 -4.54 -12.73
CA MET A 83 12.22 -4.07 -13.13
C MET A 83 11.55 -3.28 -12.01
N GLU A 84 11.81 -3.65 -10.75
CA GLU A 84 11.26 -2.90 -9.64
C GLU A 84 11.76 -1.46 -9.71
N ALA A 85 13.05 -1.29 -9.93
CA ALA A 85 13.64 0.04 -10.02
C ALA A 85 13.07 0.81 -11.22
N LEU A 86 12.96 0.14 -12.36
CA LEU A 86 12.48 0.79 -13.57
C LEU A 86 11.03 1.23 -13.41
N ILE A 87 10.21 0.36 -12.82
CA ILE A 87 8.78 0.64 -12.69
C ILE A 87 8.54 1.81 -11.73
N ILE A 88 9.18 1.78 -10.56
CA ILE A 88 9.04 2.88 -9.60
C ILE A 88 9.47 4.20 -10.24
N SER A 89 10.60 4.18 -10.93
CA SER A 89 11.18 5.39 -11.50
CA SER A 89 11.18 5.40 -11.49
C SER A 89 10.30 6.01 -12.58
N LYS A 90 9.33 5.22 -13.05
CA LYS A 90 8.43 5.65 -14.10
C LYS A 90 7.41 6.66 -13.59
N PHE A 91 7.17 6.65 -12.28
CA PHE A 91 6.13 7.48 -11.68
C PHE A 91 6.67 8.75 -11.04
N ASN A 92 5.81 9.75 -10.95
CA ASN A 92 6.12 11.02 -10.33
C ASN A 92 4.87 11.57 -9.65
N HIS A 93 4.67 11.18 -8.40
CA HIS A 93 3.51 11.60 -7.64
C HIS A 93 3.84 11.59 -6.15
N GLN A 94 3.33 12.58 -5.43
CA GLN A 94 3.68 12.76 -4.03
C GLN A 94 3.27 11.58 -3.16
N ASN A 95 2.25 10.83 -3.58
CA ASN A 95 1.73 9.71 -2.79
C ASN A 95 2.20 8.35 -3.29
N ILE A 96 3.22 8.35 -4.13
CA ILE A 96 3.88 7.12 -4.56
C ILE A 96 5.35 7.23 -4.19
N VAL A 97 5.88 6.19 -3.56
CA VAL A 97 7.26 6.22 -3.07
C VAL A 97 8.25 6.44 -4.22
N ARG A 98 9.31 7.18 -3.93
CA ARG A 98 10.33 7.51 -4.94
C ARG A 98 11.44 6.47 -4.99
N CYS A 99 11.93 6.23 -6.20
CA CYS A 99 13.23 5.56 -6.37
C CYS A 99 14.29 6.64 -6.52
N ILE A 100 15.33 6.54 -5.70
CA ILE A 100 16.33 7.58 -5.53
C ILE A 100 17.57 7.32 -6.38
N GLY A 101 17.74 6.07 -6.79
CA GLY A 101 18.92 5.67 -7.52
C GLY A 101 19.14 4.19 -7.35
N VAL A 102 20.24 3.70 -7.90
CA VAL A 102 20.56 2.29 -7.82
C VAL A 102 22.07 2.12 -7.66
N SER A 103 22.47 0.91 -7.29
CA SER A 103 23.86 0.51 -7.28
C SER A 103 23.90 -0.94 -7.75
N LEU A 104 23.87 -1.11 -9.07
CA LEU A 104 23.75 -2.42 -9.68
C LEU A 104 25.10 -2.96 -10.16
N GLN A 105 26.10 -2.10 -10.17
CA GLN A 105 27.42 -2.48 -10.68
C GLN A 105 28.30 -3.11 -9.60
N SER A 106 27.77 -3.19 -8.38
CA SER A 106 28.44 -3.89 -7.28
C SER A 106 27.50 -4.94 -6.67
N LEU A 107 28.10 -5.95 -6.03
CA LEU A 107 27.36 -7.01 -5.36
C LEU A 107 27.47 -6.88 -3.84
N PRO A 108 26.36 -7.06 -3.11
CA PRO A 108 25.00 -7.30 -3.60
C PRO A 108 24.41 -6.02 -4.20
N ARG A 109 23.54 -6.17 -5.20
CA ARG A 109 22.99 -5.01 -5.87
C ARG A 109 22.00 -4.28 -4.97
N PHE A 110 21.98 -2.95 -5.06
CA PHE A 110 21.09 -2.10 -4.27
C PHE A 110 20.07 -1.38 -5.14
N ILE A 111 18.91 -1.12 -4.55
CA ILE A 111 18.00 -0.10 -5.06
C ILE A 111 17.80 0.93 -3.95
N LEU A 112 17.98 2.20 -4.28
CA LEU A 112 17.87 3.27 -3.30
C LEU A 112 16.48 3.88 -3.37
N LEU A 113 15.82 3.93 -2.22
CA LEU A 113 14.41 4.28 -2.15
C LEU A 113 14.15 5.37 -1.14
N GLU A 114 13.05 6.07 -1.32
CA GLU A 114 12.60 7.11 -0.39
C GLU A 114 12.48 6.54 1.01
N LEU A 115 13.18 7.15 1.97
CA LEU A 115 13.09 6.70 3.36
C LEU A 115 11.83 7.25 4.01
N MET A 116 11.02 6.34 4.54
CA MET A 116 9.74 6.65 5.12
C MET A 116 9.81 6.34 6.61
N ALA A 117 10.11 7.36 7.40
CA ALA A 117 10.42 7.19 8.81
C ALA A 117 9.22 6.77 9.65
N GLY A 118 8.03 6.84 9.07
CA GLY A 118 6.81 6.47 9.77
C GLY A 118 6.56 4.97 9.74
N GLY A 119 7.27 4.26 8.87
CA GLY A 119 7.10 2.83 8.76
C GLY A 119 5.81 2.47 8.04
N ASP A 120 5.46 1.18 8.05
CA ASP A 120 4.29 0.73 7.34
C ASP A 120 3.02 1.12 8.08
N LEU A 121 1.94 1.34 7.34
CA LEU A 121 0.70 1.85 7.90
C LEU A 121 0.06 0.87 8.89
N LYS A 122 0.15 -0.43 8.62
CA LYS A 122 -0.48 -1.42 9.49
C LYS A 122 0.14 -1.36 10.88
N SER A 123 1.47 -1.35 10.94
CA SER A 123 2.17 -1.30 12.21
C SER A 123 1.88 0.01 12.92
N PHE A 124 1.87 1.10 12.15
CA PHE A 124 1.56 2.42 12.69
C PHE A 124 0.20 2.45 13.39
N LEU A 125 -0.81 1.89 12.73
CA LEU A 125 -2.17 1.89 13.28
C LEU A 125 -2.23 1.10 14.58
N ARG A 126 -1.62 -0.08 14.60
CA ARG A 126 -1.68 -0.95 15.78
C ARG A 126 -0.94 -0.32 16.97
N GLU A 127 0.15 0.38 16.68
CA GLU A 127 0.98 0.95 17.73
C GLU A 127 0.48 2.31 18.21
N THR A 128 -0.42 2.93 17.45
CA THR A 128 -0.91 4.27 17.74
C THR A 128 -2.41 4.28 18.07
N ARG A 129 -2.96 3.11 18.37
CA ARG A 129 -4.35 3.04 18.82
C ARG A 129 -4.52 3.89 20.07
N PRO A 130 -5.64 4.63 20.17
CA PRO A 130 -5.88 5.36 21.42
C PRO A 130 -5.96 4.41 22.62
N ARG A 131 -5.19 4.72 23.66
CA ARG A 131 -5.19 3.95 24.90
C ARG A 131 -5.46 4.90 26.08
N PRO A 132 -5.90 4.37 27.23
CA PRO A 132 -6.26 5.20 28.39
C PRO A 132 -5.06 5.94 28.98
N SER A 137 -4.50 10.42 21.02
CA SER A 137 -3.57 10.53 19.91
C SER A 137 -4.29 10.77 18.59
N LEU A 138 -4.54 9.69 17.84
CA LEU A 138 -5.16 9.79 16.52
C LEU A 138 -6.60 10.26 16.60
N ALA A 139 -7.03 10.98 15.57
CA ALA A 139 -8.42 11.40 15.44
C ALA A 139 -8.95 10.91 14.09
N MET A 140 -10.26 11.00 13.90
CA MET A 140 -10.89 10.52 12.69
C MET A 140 -10.33 11.22 11.45
N LEU A 141 -10.01 12.51 11.57
CA LEU A 141 -9.52 13.26 10.42
C LEU A 141 -8.15 12.75 9.98
N ASP A 142 -7.35 12.30 10.95
CA ASP A 142 -6.05 11.70 10.64
C ASP A 142 -6.21 10.45 9.76
N LEU A 143 -7.20 9.64 10.07
CA LEU A 143 -7.46 8.42 9.30
C LEU A 143 -7.94 8.77 7.91
N LEU A 144 -8.76 9.82 7.83
CA LEU A 144 -9.30 10.24 6.54
C LEU A 144 -8.20 10.79 5.64
N HIS A 145 -7.22 11.45 6.22
CA HIS A 145 -6.10 12.01 5.46
C HIS A 145 -5.22 10.91 4.88
N VAL A 146 -4.97 9.86 5.66
CA VAL A 146 -4.25 8.69 5.15
C VAL A 146 -5.02 8.08 3.98
N ALA A 147 -6.33 7.92 4.14
CA ALA A 147 -7.14 7.29 3.09
C ALA A 147 -7.15 8.15 1.84
N ARG A 148 -7.27 9.46 2.03
CA ARG A 148 -7.21 10.40 0.91
C ARG A 148 -5.87 10.33 0.19
N ASP A 149 -4.78 10.30 0.96
CA ASP A 149 -3.43 10.19 0.40
C ASP A 149 -3.29 8.96 -0.51
N ILE A 150 -3.73 7.81 -0.02
CA ILE A 150 -3.59 6.58 -0.77
C ILE A 150 -4.55 6.58 -1.97
N ALA A 151 -5.76 7.07 -1.76
CA ALA A 151 -6.72 7.21 -2.86
C ALA A 151 -6.15 8.12 -3.95
N CYS A 152 -5.42 9.15 -3.56
CA CYS A 152 -4.81 10.09 -4.49
C CYS A 152 -3.76 9.33 -5.31
N GLY A 153 -2.92 8.56 -4.62
CA GLY A 153 -1.91 7.77 -5.30
C GLY A 153 -2.50 6.73 -6.23
N CYS A 154 -3.59 6.10 -5.81
CA CYS A 154 -4.27 5.11 -6.64
C CYS A 154 -4.88 5.72 -7.89
N GLN A 155 -5.42 6.92 -7.75
CA GLN A 155 -6.01 7.60 -8.90
C GLN A 155 -4.94 7.89 -9.93
N TYR A 156 -3.78 8.32 -9.46
CA TYR A 156 -2.64 8.55 -10.34
C TYR A 156 -2.24 7.26 -11.05
N LEU A 157 -2.11 6.17 -10.29
CA LEU A 157 -1.77 4.88 -10.87
C LEU A 157 -2.81 4.43 -11.90
N GLU A 158 -4.09 4.60 -11.57
CA GLU A 158 -5.16 4.24 -12.49
C GLU A 158 -5.09 5.06 -13.77
N GLU A 159 -4.84 6.35 -13.61
CA GLU A 159 -4.76 7.26 -14.74
C GLU A 159 -3.62 6.88 -15.68
N ASN A 160 -2.59 6.23 -15.12
CA ASN A 160 -1.45 5.75 -15.89
C ASN A 160 -1.52 4.26 -16.19
N HIS A 161 -2.70 3.67 -15.98
CA HIS A 161 -3.01 2.30 -16.38
C HIS A 161 -2.13 1.26 -15.69
N PHE A 162 -1.83 1.51 -14.41
CA PHE A 162 -1.04 0.57 -13.62
C PHE A 162 -1.94 -0.08 -12.57
N ILE A 163 -1.94 -1.40 -12.56
CA ILE A 163 -2.70 -2.19 -11.61
C ILE A 163 -1.76 -2.73 -10.53
N HIS A 164 -1.98 -2.27 -9.30
CA HIS A 164 -1.08 -2.59 -8.18
C HIS A 164 -1.15 -4.07 -7.81
N ARG A 165 -2.37 -4.58 -7.66
CA ARG A 165 -2.69 -5.97 -7.32
C ARG A 165 -2.43 -6.37 -5.86
N ASP A 166 -1.93 -5.44 -5.04
CA ASP A 166 -1.75 -5.74 -3.62
C ASP A 166 -1.91 -4.51 -2.74
N ILE A 167 -2.98 -3.75 -2.97
CA ILE A 167 -3.30 -2.63 -2.10
C ILE A 167 -3.68 -3.20 -0.73
N ALA A 168 -2.94 -2.77 0.28
CA ALA A 168 -3.10 -3.26 1.64
C ALA A 168 -2.33 -2.35 2.58
N ALA A 169 -2.75 -2.28 3.85
CA ALA A 169 -2.11 -1.38 4.79
C ALA A 169 -0.62 -1.70 4.95
N ARG A 170 -0.26 -2.97 4.77
CA ARG A 170 1.12 -3.41 4.91
C ARG A 170 2.04 -2.83 3.84
N ASN A 171 1.46 -2.41 2.71
CA ASN A 171 2.23 -1.84 1.61
C ASN A 171 2.12 -0.32 1.51
N CYS A 172 1.50 0.29 2.51
CA CYS A 172 1.45 1.75 2.61
C CYS A 172 2.49 2.21 3.62
N LEU A 173 3.18 3.30 3.30
CA LEU A 173 4.26 3.83 4.12
C LEU A 173 3.95 5.25 4.54
N LEU A 174 4.47 5.66 5.71
CA LEU A 174 4.24 7.00 6.25
C LEU A 174 5.56 7.75 6.38
N THR A 175 5.55 9.03 6.03
CA THR A 175 6.75 9.86 6.11
C THR A 175 7.22 10.05 7.55
N CYS A 176 6.26 10.19 8.46
CA CYS A 176 6.56 10.41 9.87
C CYS A 176 5.34 10.01 10.69
N PRO A 177 5.51 9.84 12.01
CA PRO A 177 4.39 9.40 12.85
C PRO A 177 3.42 10.53 13.25
N GLY A 178 3.93 11.73 13.45
CA GLY A 178 3.13 12.81 14.00
C GLY A 178 2.30 13.56 12.96
N PRO A 179 1.59 14.61 13.39
CA PRO A 179 0.82 15.47 12.50
C PRO A 179 1.63 15.92 11.30
N GLY A 180 0.98 16.01 10.14
CA GLY A 180 1.67 16.36 8.91
C GLY A 180 2.24 15.13 8.20
N ARG A 181 2.00 13.96 8.76
CA ARG A 181 2.42 12.71 8.12
C ARG A 181 1.78 12.63 6.74
N VAL A 182 2.51 12.05 5.79
CA VAL A 182 1.96 11.78 4.46
C VAL A 182 2.05 10.28 4.18
N ALA A 183 0.98 9.71 3.65
CA ALA A 183 0.95 8.30 3.33
C ALA A 183 1.25 8.10 1.85
N LYS A 184 2.00 7.04 1.53
CA LYS A 184 2.35 6.76 0.16
C LYS A 184 2.24 5.28 -0.16
N ILE A 185 1.99 4.99 -1.43
CA ILE A 185 1.88 3.61 -1.90
C ILE A 185 3.26 3.06 -2.22
N GLY A 186 3.54 1.89 -1.66
CA GLY A 186 4.72 1.13 -2.04
C GLY A 186 4.29 -0.31 -2.31
N ASP A 187 5.27 -1.21 -2.28
CA ASP A 187 5.00 -2.63 -2.45
C ASP A 187 6.19 -3.39 -1.90
N PHE A 188 5.97 -4.13 -0.82
CA PHE A 188 7.04 -4.90 -0.21
C PHE A 188 7.24 -6.23 -0.93
N GLY A 189 6.26 -6.57 -1.77
CA GLY A 189 6.40 -7.67 -2.70
C GLY A 189 6.14 -9.05 -2.14
N MET A 190 5.52 -9.12 -0.95
CA MET A 190 5.28 -10.39 -0.30
C MET A 190 4.31 -11.27 -1.10
N ALA A 191 3.63 -10.67 -2.07
CA ALA A 191 2.74 -11.40 -2.97
C ALA A 191 3.15 -11.15 -4.42
N GLY A 204 1.65 -19.98 -4.72
CA GLY A 204 0.60 -20.97 -4.48
C GLY A 204 -0.65 -20.35 -3.94
N CYS A 205 -1.74 -21.10 -3.92
CA CYS A 205 -3.01 -20.59 -3.37
C CYS A 205 -2.95 -20.12 -1.90
N ALA A 206 -2.01 -20.64 -1.12
CA ALA A 206 -1.88 -20.29 0.30
C ALA A 206 -1.15 -18.95 0.52
N MET A 207 -0.58 -18.41 -0.56
CA MET A 207 0.16 -17.14 -0.52
C MET A 207 -0.68 -15.98 -1.04
N LEU A 208 -1.82 -16.29 -1.65
CA LEU A 208 -2.70 -15.24 -2.17
C LEU A 208 -3.28 -14.43 -1.02
N PRO A 209 -3.21 -13.09 -1.12
CA PRO A 209 -3.86 -12.25 -0.12
C PRO A 209 -5.38 -12.23 -0.34
N VAL A 210 -5.99 -13.41 -0.21
CA VAL A 210 -7.41 -13.59 -0.52
C VAL A 210 -8.32 -12.57 0.17
N LYS A 211 -7.93 -12.14 1.35
CA LYS A 211 -8.79 -11.24 2.13
C LYS A 211 -8.85 -9.83 1.55
N TRP A 212 -7.97 -9.53 0.59
CA TRP A 212 -7.98 -8.23 -0.09
C TRP A 212 -8.51 -8.33 -1.53
N MET A 213 -8.94 -9.52 -1.93
CA MET A 213 -9.23 -9.79 -3.33
C MET A 213 -10.72 -9.92 -3.64
N PRO A 214 -11.16 -9.31 -4.75
CA PRO A 214 -12.55 -9.50 -5.19
C PRO A 214 -12.76 -10.87 -5.79
N PRO A 215 -14.01 -11.31 -5.94
CA PRO A 215 -14.28 -12.66 -6.46
C PRO A 215 -13.64 -12.94 -7.82
N GLU A 216 -13.68 -11.99 -8.75
CA GLU A 216 -13.16 -12.26 -10.08
C GLU A 216 -11.64 -12.43 -10.04
N ALA A 217 -11.01 -11.88 -9.01
CA ALA A 217 -9.58 -12.05 -8.83
C ALA A 217 -9.24 -13.43 -8.27
N PHE A 218 -9.83 -13.82 -7.14
CA PHE A 218 -9.43 -15.08 -6.53
C PHE A 218 -10.11 -16.28 -7.18
N MET A 219 -11.18 -16.06 -7.95
CA MET A 219 -11.81 -17.16 -8.69
C MET A 219 -11.27 -17.31 -10.11
N GLU A 220 -10.96 -16.19 -10.77
CA GLU A 220 -10.65 -16.23 -12.20
C GLU A 220 -9.26 -15.66 -12.54
N GLY A 221 -8.59 -15.05 -11.56
CA GLY A 221 -7.27 -14.50 -11.81
C GLY A 221 -7.35 -13.24 -12.67
N ILE A 222 -8.52 -12.60 -12.66
CA ILE A 222 -8.71 -11.36 -13.39
C ILE A 222 -8.34 -10.17 -12.51
N PHE A 223 -7.43 -9.34 -13.01
CA PHE A 223 -7.02 -8.12 -12.34
C PHE A 223 -7.26 -6.90 -13.23
N THR A 224 -7.92 -5.90 -12.66
CA THR A 224 -8.16 -4.63 -13.33
C THR A 224 -8.04 -3.50 -12.33
N SER A 225 -8.30 -2.28 -12.76
CA SER A 225 -8.33 -1.18 -11.79
C SER A 225 -9.48 -1.37 -10.80
N LYS A 226 -10.54 -2.07 -11.22
CA LYS A 226 -11.68 -2.32 -10.33
C LYS A 226 -11.40 -3.41 -9.31
N THR A 227 -10.38 -4.23 -9.54
CA THR A 227 -9.99 -5.16 -8.49
C THR A 227 -9.12 -4.41 -7.47
N ASP A 228 -8.40 -3.37 -7.91
CA ASP A 228 -7.70 -2.50 -6.97
C ASP A 228 -8.70 -1.70 -6.12
N THR A 229 -9.82 -1.33 -6.72
CA THR A 229 -10.90 -0.64 -6.00
C THR A 229 -11.39 -1.48 -4.82
N TRP A 230 -11.63 -2.76 -5.07
CA TRP A 230 -12.05 -3.68 -4.02
C TRP A 230 -11.03 -3.68 -2.89
N SER A 231 -9.76 -3.86 -3.24
CA SER A 231 -8.68 -3.93 -2.26
C SER A 231 -8.63 -2.66 -1.44
N PHE A 232 -8.83 -1.52 -2.10
CA PHE A 232 -8.82 -0.25 -1.39
C PHE A 232 -9.93 -0.21 -0.34
N GLY A 233 -11.07 -0.81 -0.65
CA GLY A 233 -12.16 -0.88 0.30
C GLY A 233 -11.73 -1.63 1.54
N VAL A 234 -10.99 -2.72 1.34
CA VAL A 234 -10.48 -3.51 2.45
C VAL A 234 -9.42 -2.71 3.20
N LEU A 235 -8.60 -1.97 2.47
CA LEU A 235 -7.63 -1.07 3.10
C LEU A 235 -8.34 -0.05 4.01
N LEU A 236 -9.44 0.50 3.52
CA LEU A 236 -10.23 1.44 4.31
C LEU A 236 -10.70 0.79 5.61
N TRP A 237 -11.13 -0.46 5.50
CA TRP A 237 -11.58 -1.18 6.68
C TRP A 237 -10.42 -1.32 7.66
N GLU A 238 -9.23 -1.67 7.14
CA GLU A 238 -8.04 -1.78 7.98
C GLU A 238 -7.75 -0.47 8.71
N ILE A 239 -7.87 0.64 7.98
CA ILE A 239 -7.55 1.95 8.51
C ILE A 239 -8.50 2.31 9.65
N PHE A 240 -9.80 2.19 9.39
CA PHE A 240 -10.78 2.66 10.37
C PHE A 240 -11.03 1.64 11.49
N SER A 241 -10.54 0.42 11.32
CA SER A 241 -10.50 -0.55 12.42
C SER A 241 -9.24 -0.38 13.26
N LEU A 242 -8.38 0.55 12.85
CA LEU A 242 -7.09 0.79 13.50
C LEU A 242 -6.19 -0.45 13.47
N GLY A 243 -6.12 -1.09 12.30
CA GLY A 243 -5.13 -2.12 12.06
C GLY A 243 -5.52 -3.56 12.37
N TYR A 244 -6.81 -3.82 12.47
CA TYR A 244 -7.27 -5.20 12.63
C TYR A 244 -7.03 -5.98 11.34
N MET A 245 -6.86 -7.29 11.47
CA MET A 245 -6.89 -8.19 10.31
C MET A 245 -8.30 -8.20 9.71
N PRO A 246 -8.41 -8.04 8.37
CA PRO A 246 -9.73 -8.15 7.76
C PRO A 246 -10.41 -9.49 8.07
N TYR A 247 -11.74 -9.52 8.13
CA TYR A 247 -12.50 -10.74 8.44
C TYR A 247 -11.87 -11.45 9.63
N PRO A 248 -11.82 -10.74 10.78
CA PRO A 248 -10.99 -11.12 11.94
C PRO A 248 -11.09 -12.57 12.38
N SER A 249 -12.29 -13.12 12.39
CA SER A 249 -12.51 -14.47 12.92
C SER A 249 -12.70 -15.52 11.81
N LYS A 250 -12.13 -15.24 10.64
CA LYS A 250 -12.27 -16.12 9.49
C LYS A 250 -10.93 -16.49 8.86
N SER A 251 -10.85 -17.73 8.39
CA SER A 251 -9.72 -18.19 7.59
C SER A 251 -9.89 -17.76 6.14
N ASN A 252 -8.84 -17.89 5.34
CA ASN A 252 -8.91 -17.51 3.93
C ASN A 252 -10.02 -18.27 3.18
N GLN A 253 -10.10 -19.58 3.39
CA GLN A 253 -11.10 -20.39 2.70
C GLN A 253 -12.51 -19.98 3.12
N GLU A 254 -12.67 -19.67 4.41
CA GLU A 254 -13.96 -19.23 4.92
C GLU A 254 -14.35 -17.89 4.29
N VAL A 255 -13.37 -17.01 4.10
CA VAL A 255 -13.61 -15.72 3.46
C VAL A 255 -14.00 -15.91 2.00
N LEU A 256 -13.31 -16.83 1.34
CA LEU A 256 -13.59 -17.15 -0.06
C LEU A 256 -15.05 -17.52 -0.22
N GLU A 257 -15.52 -18.45 0.61
CA GLU A 257 -16.90 -18.90 0.56
C GLU A 257 -17.87 -17.80 1.01
N PHE A 258 -17.47 -17.05 2.04
CA PHE A 258 -18.27 -15.95 2.56
C PHE A 258 -18.51 -14.89 1.47
N VAL A 259 -17.44 -14.42 0.85
CA VAL A 259 -17.51 -13.35 -0.13
C VAL A 259 -18.24 -13.78 -1.41
N THR A 260 -17.97 -14.98 -1.91
CA THR A 260 -18.61 -15.43 -3.14
C THR A 260 -20.12 -15.58 -2.94
N SER A 261 -20.54 -15.75 -1.68
CA SER A 261 -21.96 -15.90 -1.35
C SER A 261 -22.64 -14.56 -1.05
N GLY A 262 -21.91 -13.47 -1.20
CA GLY A 262 -22.46 -12.14 -0.99
C GLY A 262 -22.13 -11.52 0.36
N GLY A 263 -21.37 -12.24 1.17
CA GLY A 263 -20.99 -11.76 2.49
C GLY A 263 -19.98 -10.63 2.43
N ARG A 264 -20.14 -9.67 3.34
CA ARG A 264 -19.22 -8.55 3.46
C ARG A 264 -18.94 -8.25 4.93
N MET A 265 -17.84 -7.56 5.21
CA MET A 265 -17.53 -7.16 6.58
C MET A 265 -18.50 -6.13 7.12
N ASP A 266 -18.75 -6.19 8.42
CA ASP A 266 -19.50 -5.16 9.13
C ASP A 266 -18.60 -3.96 9.31
N PRO A 267 -19.18 -2.80 9.67
CA PRO A 267 -18.33 -1.63 9.86
C PRO A 267 -17.36 -1.83 11.03
N PRO A 268 -16.14 -1.28 10.94
CA PRO A 268 -15.30 -1.23 12.14
C PRO A 268 -15.99 -0.47 13.27
N LYS A 269 -15.54 -0.66 14.50
CA LYS A 269 -16.16 0.01 15.63
C LYS A 269 -16.13 1.53 15.48
N ASN A 270 -17.28 2.15 15.72
CA ASN A 270 -17.44 3.61 15.64
C ASN A 270 -17.19 4.19 14.25
N CYS A 271 -17.19 3.33 13.24
CA CYS A 271 -16.95 3.82 11.87
C CYS A 271 -18.10 4.71 11.42
N PRO A 272 -17.80 5.91 10.91
CA PRO A 272 -18.88 6.73 10.37
C PRO A 272 -19.55 6.09 9.17
N GLY A 273 -20.86 6.24 9.08
CA GLY A 273 -21.62 5.69 7.97
C GLY A 273 -21.12 6.08 6.60
N PRO A 274 -20.82 7.37 6.40
CA PRO A 274 -20.31 7.77 5.08
C PRO A 274 -19.05 7.03 4.67
N VAL A 275 -18.21 6.71 5.65
CA VAL A 275 -16.97 5.98 5.38
C VAL A 275 -17.28 4.52 5.07
N TYR A 276 -18.14 3.89 5.88
CA TYR A 276 -18.54 2.52 5.63
C TYR A 276 -19.19 2.39 4.26
N ARG A 277 -19.95 3.40 3.86
CA ARG A 277 -20.67 3.33 2.60
C ARG A 277 -19.70 3.30 1.42
N ILE A 278 -18.55 3.96 1.58
CA ILE A 278 -17.52 3.89 0.57
C ILE A 278 -17.01 2.46 0.45
N MET A 279 -16.76 1.82 1.59
CA MET A 279 -16.29 0.45 1.61
C MET A 279 -17.24 -0.47 0.85
N THR A 280 -18.52 -0.37 1.16
CA THR A 280 -19.50 -1.28 0.58
C THR A 280 -19.66 -1.04 -0.92
N GLN A 281 -19.38 0.18 -1.39
CA GLN A 281 -19.40 0.45 -2.83
C GLN A 281 -18.15 -0.13 -3.50
N CYS A 282 -17.01 -0.11 -2.81
CA CYS A 282 -15.80 -0.76 -3.32
C CYS A 282 -15.99 -2.26 -3.44
N TRP A 283 -16.89 -2.81 -2.62
CA TRP A 283 -17.11 -4.25 -2.57
C TRP A 283 -18.32 -4.72 -3.36
N GLN A 284 -18.77 -3.93 -4.33
CA GLN A 284 -19.86 -4.40 -5.19
C GLN A 284 -19.39 -5.66 -5.91
N HIS A 285 -20.31 -6.62 -6.08
CA HIS A 285 -19.91 -7.93 -6.59
C HIS A 285 -19.38 -7.84 -8.02
N GLN A 286 -20.03 -7.03 -8.84
CA GLN A 286 -19.58 -6.81 -10.21
C GLN A 286 -18.65 -5.60 -10.29
N PRO A 287 -17.48 -5.75 -10.96
CA PRO A 287 -16.56 -4.61 -11.05
C PRO A 287 -17.18 -3.39 -11.71
N GLU A 288 -18.11 -3.60 -12.64
CA GLU A 288 -18.73 -2.48 -13.36
C GLU A 288 -19.46 -1.56 -12.40
N ASP A 289 -19.86 -2.09 -11.24
CA ASP A 289 -20.64 -1.33 -10.26
C ASP A 289 -19.77 -0.70 -9.18
N ARG A 290 -18.47 -0.98 -9.20
CA ARG A 290 -17.54 -0.37 -8.26
C ARG A 290 -17.09 1.00 -8.78
N PRO A 291 -16.90 1.96 -7.86
CA PRO A 291 -16.40 3.27 -8.30
C PRO A 291 -14.94 3.22 -8.76
N ASN A 292 -14.57 4.13 -9.65
CA ASN A 292 -13.16 4.33 -9.96
C ASN A 292 -12.56 5.20 -8.87
N PHE A 293 -11.24 5.41 -8.93
CA PHE A 293 -10.57 6.12 -7.84
C PHE A 293 -10.80 7.62 -7.85
N ALA A 294 -11.21 8.17 -8.98
CA ALA A 294 -11.61 9.58 -9.01
C ALA A 294 -12.83 9.78 -8.11
N ILE A 295 -13.80 8.88 -8.24
CA ILE A 295 -15.01 8.94 -7.44
C ILE A 295 -14.71 8.65 -5.98
N ILE A 296 -13.89 7.65 -5.72
CA ILE A 296 -13.50 7.31 -4.35
C ILE A 296 -12.85 8.52 -3.67
N LEU A 297 -11.93 9.17 -4.37
CA LEU A 297 -11.23 10.33 -3.83
C LEU A 297 -12.21 11.46 -3.49
N GLU A 298 -13.14 11.74 -4.41
CA GLU A 298 -14.17 12.74 -4.17
C GLU A 298 -15.00 12.43 -2.93
N ARG A 299 -15.41 11.16 -2.80
CA ARG A 299 -16.27 10.76 -1.70
C ARG A 299 -15.52 10.83 -0.36
N ILE A 300 -14.24 10.47 -0.34
CA ILE A 300 -13.43 10.64 0.87
C ILE A 300 -13.30 12.11 1.22
N GLU A 301 -13.08 12.96 0.22
CA GLU A 301 -12.94 14.38 0.48
C GLU A 301 -14.23 14.94 1.08
N TYR A 302 -15.37 14.45 0.60
CA TYR A 302 -16.67 14.87 1.13
C TYR A 302 -16.77 14.51 2.62
N CYS A 303 -16.27 13.34 2.99
CA CYS A 303 -16.27 12.91 4.38
C CYS A 303 -15.50 13.89 5.28
N THR A 304 -14.41 14.45 4.75
CA THR A 304 -13.60 15.38 5.53
C THR A 304 -14.29 16.73 5.69
N GLN A 305 -15.38 16.92 4.95
CA GLN A 305 -16.17 18.15 5.02
C GLN A 305 -17.34 18.04 6.00
N ASP A 306 -17.51 16.86 6.59
CA ASP A 306 -18.67 16.56 7.42
C ASP A 306 -18.25 16.54 8.88
N PRO A 307 -18.62 17.58 9.65
CA PRO A 307 -18.23 17.61 11.06
C PRO A 307 -18.68 16.38 11.83
N ASP A 308 -19.85 15.84 11.51
CA ASP A 308 -20.37 14.65 12.20
C ASP A 308 -19.44 13.46 11.98
N VAL A 309 -18.76 13.42 10.84
CA VAL A 309 -17.79 12.37 10.58
C VAL A 309 -16.52 12.61 11.38
N ILE A 310 -15.88 13.76 11.15
CA ILE A 310 -14.54 13.99 11.67
C ILE A 310 -14.51 14.25 13.17
N ASN A 311 -15.66 14.53 13.78
CA ASN A 311 -15.73 14.70 15.22
C ASN A 311 -16.13 13.40 15.93
N THR A 312 -16.27 12.32 15.16
CA THR A 312 -16.55 11.01 15.72
C THR A 312 -15.31 10.52 16.48
N ALA A 313 -15.52 10.08 17.72
CA ALA A 313 -14.42 9.59 18.55
C ALA A 313 -14.05 8.15 18.16
N LEU A 314 -12.75 7.89 18.04
CA LEU A 314 -12.28 6.53 17.84
C LEU A 314 -12.42 5.74 19.13
N PRO A 315 -12.61 4.41 19.01
CA PRO A 315 -12.75 3.59 20.21
C PRO A 315 -11.45 3.53 21.03
N ILE A 316 -11.59 3.36 22.35
CA ILE A 316 -10.43 3.30 23.24
C ILE A 316 -10.31 1.93 23.91
N GLU A 317 -9.09 1.40 23.84
CA GLU A 317 -8.77 0.06 24.31
C GLU A 317 -8.50 0.00 25.81
N TYR A 318 -9.26 -0.79 26.53
CA TYR A 318 -9.10 -0.92 27.98
C TYR A 318 -8.31 -2.16 28.31
N GLY A 319 -7.06 -1.96 28.72
CA GLY A 319 -6.09 -3.02 28.87
C GLY A 319 -6.62 -4.36 29.33
N PRO A 320 -7.27 -4.38 30.50
CA PRO A 320 -7.86 -5.61 31.06
C PRO A 320 -8.93 -6.23 30.17
N LEU A 321 -9.41 -5.49 29.18
CA LEU A 321 -10.44 -5.97 28.25
C LEU A 321 -11.69 -6.42 29.01
#